data_2VZD
#
_entry.id   2VZD
#
_cell.length_a   133.123
_cell.length_b   37.503
_cell.length_c   70.244
_cell.angle_alpha   90.00
_cell.angle_beta   90.33
_cell.angle_gamma   90.00
#
_symmetry.space_group_name_H-M   'C 1 2 1'
#
loop_
_entity.id
_entity.type
_entity.pdbx_description
1 polymer ALPHA-PARVIN
2 polymer PAXILLIN
3 non-polymer 'TRIETHYLENE GLYCOL'
4 non-polymer 'TETRAETHYLENE GLYCOL'
5 non-polymer GLYCEROL
6 non-polymer 1,2-ETHANEDIOL
7 water water
#
loop_
_entity_poly.entity_id
_entity_poly.type
_entity_poly.pdbx_seq_one_letter_code
_entity_poly.pdbx_strand_id
1 'polypeptide(L)'
;SGRHERDAFDTLFDHAPDKLNVVKKTLITFVNKHLNKLNLEVTELETQFADGVYLVLLMGLLEGYFVPLHSFFLTPDSFE
QKVLNVSFAFELMQDGGLEKPKPRPEDIVNCDLKSTLRVLYNLFTKYRNVE
;
A,B
2 'polypeptide(L)' MDDLDALLADLESTTSHISK C,D
#
# COMPACT_ATOMS: atom_id res chain seq x y z
N GLU A 5 -24.93 18.22 21.63
CA GLU A 5 -23.75 17.55 20.99
C GLU A 5 -23.71 16.06 21.37
N ARG A 6 -24.48 15.70 22.39
CA ARG A 6 -24.53 14.36 22.96
C ARG A 6 -25.02 13.28 21.96
N ASP A 7 -24.31 12.16 21.89
CA ASP A 7 -24.70 11.06 21.00
C ASP A 7 -24.82 9.71 21.71
N ALA A 8 -25.01 8.64 20.94
CA ALA A 8 -25.23 7.29 21.47
C ALA A 8 -24.03 6.71 22.23
N PHE A 9 -22.83 7.18 21.90
CA PHE A 9 -21.62 6.73 22.59
C PHE A 9 -21.48 7.35 23.99
N ASP A 10 -21.98 8.58 24.14
CA ASP A 10 -22.14 9.18 25.46
C ASP A 10 -23.11 8.37 26.30
N THR A 11 -24.26 8.01 25.70
CA THR A 11 -25.28 7.19 26.37
C THR A 11 -24.77 5.79 26.72
N LEU A 12 -23.97 5.21 25.83
N LEU A 12 -23.96 5.22 25.83
CA LEU A 12 -23.35 3.89 26.02
CA LEU A 12 -23.36 3.90 26.02
C LEU A 12 -22.41 3.88 27.22
C LEU A 12 -22.42 3.89 27.23
N PHE A 13 -21.52 4.86 27.30
CA PHE A 13 -20.54 4.95 28.39
C PHE A 13 -21.14 5.35 29.74
N ASP A 14 -22.23 6.11 29.70
CA ASP A 14 -22.92 6.53 30.92
C ASP A 14 -23.84 5.46 31.49
N HIS A 15 -24.62 4.80 30.63
CA HIS A 15 -25.75 3.99 31.08
C HIS A 15 -25.70 2.50 30.73
N ALA A 16 -24.96 2.15 29.67
CA ALA A 16 -24.90 0.75 29.22
C ALA A 16 -23.47 0.27 28.93
N PRO A 17 -22.54 0.43 29.90
CA PRO A 17 -21.12 0.13 29.63
C PRO A 17 -20.81 -1.33 29.30
N ASP A 18 -21.69 -2.24 29.70
CA ASP A 18 -21.52 -3.66 29.40
C ASP A 18 -21.78 -3.99 27.93
N LYS A 19 -22.34 -3.04 27.18
CA LYS A 19 -22.61 -3.19 25.77
C LYS A 19 -21.43 -2.73 24.92
N LEU A 20 -20.39 -2.23 25.59
CA LEU A 20 -19.18 -1.74 24.93
C LEU A 20 -18.38 -2.84 24.23
N ASN A 21 -18.35 -4.03 24.82
N ASN A 21 -18.33 -4.02 24.85
CA ASN A 21 -17.57 -5.15 24.25
CA ASN A 21 -17.62 -5.18 24.29
C ASN A 21 -18.09 -5.72 22.93
C ASN A 21 -18.11 -5.51 22.88
N VAL A 22 -19.42 -5.73 22.75
CA VAL A 22 -20.02 -6.13 21.48
C VAL A 22 -19.88 -5.02 20.42
N VAL A 23 -19.85 -3.78 20.88
CA VAL A 23 -19.59 -2.62 20.02
C VAL A 23 -18.15 -2.66 19.48
N LYS A 24 -17.21 -3.01 20.37
N LYS A 24 -17.19 -2.92 20.37
N LYS A 24 -17.18 -2.87 20.38
CA LYS A 24 -15.81 -3.24 20.02
CA LYS A 24 -15.78 -3.02 19.99
CA LYS A 24 -15.77 -2.85 19.99
C LYS A 24 -15.64 -4.48 19.13
C LYS A 24 -15.55 -4.19 19.04
C LYS A 24 -15.46 -4.03 19.07
N LYS A 25 -16.30 -5.57 19.50
N LYS A 25 -16.10 -5.33 19.40
N LYS A 25 -16.06 -5.17 19.37
CA LYS A 25 -16.17 -6.82 18.74
CA LYS A 25 -15.91 -6.56 18.63
CA LYS A 25 -15.82 -6.40 18.61
C LYS A 25 -16.57 -6.64 17.27
C LYS A 25 -16.43 -6.45 17.20
C LYS A 25 -16.37 -6.32 17.19
N THR A 26 -17.61 -5.85 17.04
CA THR A 26 -18.21 -5.67 15.70
C THR A 26 -17.37 -4.75 14.81
N LEU A 27 -16.88 -3.66 15.41
N LEU A 27 -16.88 -3.66 15.41
CA LEU A 27 -16.02 -2.71 14.70
CA LEU A 27 -16.01 -2.70 14.72
C LEU A 27 -14.64 -3.29 14.38
C LEU A 27 -14.64 -3.29 14.38
N ILE A 28 -14.10 -4.13 15.27
CA ILE A 28 -12.82 -4.82 15.05
C ILE A 28 -12.93 -5.79 13.87
N THR A 29 -14.02 -6.55 13.84
CA THR A 29 -14.31 -7.48 12.75
C THR A 29 -14.42 -6.75 11.41
N PHE A 30 -15.09 -5.60 11.41
CA PHE A 30 -15.23 -4.76 10.23
C PHE A 30 -13.89 -4.24 9.70
N VAL A 31 -13.04 -3.73 10.60
N VAL A 31 -13.05 -3.74 10.60
CA VAL A 31 -11.75 -3.17 10.18
CA VAL A 31 -11.74 -3.23 10.25
C VAL A 31 -10.77 -4.26 9.73
C VAL A 31 -10.85 -4.38 9.76
N ASN A 32 -10.87 -5.44 10.33
N ASN A 32 -10.79 -5.45 10.52
CA ASN A 32 -10.02 -6.56 9.97
CA ASN A 32 -10.00 -6.62 10.13
C ASN A 32 -10.53 -7.33 8.74
C ASN A 32 -10.37 -7.12 8.75
N LYS A 33 -11.79 -7.09 8.39
N LYS A 33 -11.67 -7.25 8.49
CA LYS A 33 -12.34 -7.60 7.13
CA LYS A 33 -12.15 -7.70 7.19
C LYS A 33 -11.55 -7.01 5.95
C LYS A 33 -11.31 -7.09 6.07
N HIS A 34 -11.06 -5.79 6.14
CA HIS A 34 -10.30 -5.08 5.11
C HIS A 34 -8.79 -5.08 5.33
N LEU A 35 -8.36 -4.86 6.56
CA LEU A 35 -6.93 -4.83 6.89
C LEU A 35 -6.23 -6.18 6.73
N ASN A 36 -6.96 -7.28 6.93
CA ASN A 36 -6.44 -8.64 6.70
C ASN A 36 -5.95 -8.83 5.28
N LYS A 37 -6.59 -8.14 4.34
CA LYS A 37 -6.21 -8.18 2.92
C LYS A 37 -4.80 -7.67 2.68
N LEU A 38 -4.30 -6.84 3.60
N LEU A 38 -4.30 -6.85 3.60
CA LEU A 38 -2.94 -6.33 3.54
CA LEU A 38 -2.95 -6.31 3.55
C LEU A 38 -2.04 -7.04 4.55
C LEU A 38 -2.06 -7.02 4.58
N ASN A 39 -2.52 -8.19 5.04
CA ASN A 39 -1.84 -8.98 6.09
C ASN A 39 -1.65 -8.22 7.40
N LEU A 40 -2.56 -7.29 7.66
CA LEU A 40 -2.54 -6.47 8.87
C LEU A 40 -3.72 -6.84 9.78
N GLU A 41 -3.55 -6.59 11.07
CA GLU A 41 -4.51 -7.03 12.07
C GLU A 41 -4.62 -6.02 13.20
N VAL A 42 -5.86 -5.79 13.65
CA VAL A 42 -6.13 -4.98 14.84
C VAL A 42 -6.61 -5.91 15.95
N THR A 43 -5.94 -5.85 17.09
CA THR A 43 -6.37 -6.61 18.27
C THR A 43 -7.12 -5.76 19.31
N GLU A 44 -6.99 -4.43 19.24
N GLU A 44 -6.77 -4.47 19.35
CA GLU A 44 -8.00 -3.54 19.87
CA GLU A 44 -7.25 -3.54 20.36
C GLU A 44 -7.96 -2.05 19.52
C GLU A 44 -7.45 -2.16 19.74
N LEU A 45 -9.14 -1.41 19.58
N LEU A 45 -8.69 -1.67 19.82
CA LEU A 45 -9.32 -0.03 19.10
CA LEU A 45 -9.08 -0.39 19.22
C LEU A 45 -8.75 1.06 20.01
C LEU A 45 -8.43 0.81 19.91
N GLU A 46 -8.36 0.73 21.24
CA GLU A 46 -7.80 1.75 22.14
C GLU A 46 -6.56 2.49 21.65
N THR A 47 -5.62 1.74 21.06
CA THR A 47 -4.32 2.32 20.68
C THR A 47 -3.95 2.21 19.19
N GLN A 48 -4.46 1.20 18.51
CA GLN A 48 -3.95 0.81 17.18
C GLN A 48 -4.38 1.69 16.00
N PHE A 49 -5.28 2.66 16.27
CA PHE A 49 -5.64 3.66 15.26
C PHE A 49 -5.05 5.04 15.54
N ALA A 50 -4.32 5.16 16.66
CA ALA A 50 -3.81 6.44 17.13
C ALA A 50 -2.78 7.10 16.22
N ASP A 51 -1.91 6.31 15.58
CA ASP A 51 -0.89 6.90 14.71
C ASP A 51 -1.39 7.28 13.31
N GLY A 52 -2.66 7.00 13.03
CA GLY A 52 -3.29 7.40 11.78
C GLY A 52 -3.06 6.53 10.55
N VAL A 53 -2.12 5.58 10.65
CA VAL A 53 -1.73 4.74 9.50
C VAL A 53 -2.87 3.84 9.02
N TYR A 54 -3.44 3.07 9.94
CA TYR A 54 -4.50 2.11 9.60
C TYR A 54 -5.78 2.77 9.08
N LEU A 55 -6.10 3.96 9.60
CA LEU A 55 -7.24 4.74 9.10
C LEU A 55 -7.04 5.17 7.65
N VAL A 56 -5.82 5.61 7.32
CA VAL A 56 -5.48 5.95 5.93
C VAL A 56 -5.56 4.72 5.03
N LEU A 57 -4.91 3.63 5.44
CA LEU A 57 -4.92 2.37 4.68
C LEU A 57 -6.33 1.83 4.49
N LEU A 58 -7.14 1.94 5.54
CA LEU A 58 -8.53 1.50 5.53
C LEU A 58 -9.36 2.27 4.49
N MET A 59 -9.17 3.59 4.43
CA MET A 59 -9.86 4.42 3.43
C MET A 59 -9.44 4.09 2.00
N GLY A 60 -8.16 3.80 1.81
CA GLY A 60 -7.66 3.31 0.53
C GLY A 60 -8.37 2.04 0.11
N LEU A 61 -8.48 1.10 1.04
CA LEU A 61 -9.16 -0.17 0.81
C LEU A 61 -10.67 -0.04 0.57
N LEU A 62 -11.30 0.92 1.26
CA LEU A 62 -12.76 1.08 1.18
C LEU A 62 -13.23 1.83 -0.06
N GLU A 63 -12.46 2.81 -0.50
CA GLU A 63 -12.82 3.62 -1.68
C GLU A 63 -12.07 3.23 -2.95
N GLY A 64 -11.04 2.39 -2.81
CA GLY A 64 -10.21 1.98 -3.94
C GLY A 64 -9.38 3.12 -4.47
N TYR A 65 -8.86 3.94 -3.56
CA TYR A 65 -8.06 5.11 -3.91
C TYR A 65 -6.63 4.75 -4.32
N PHE A 66 -6.08 5.57 -5.22
CA PHE A 66 -4.64 5.64 -5.42
C PHE A 66 -4.12 6.66 -4.41
N VAL A 67 -3.77 6.19 -3.21
CA VAL A 67 -3.32 7.05 -2.12
C VAL A 67 -1.91 7.58 -2.40
N PRO A 68 -1.75 8.91 -2.50
CA PRO A 68 -0.41 9.46 -2.73
C PRO A 68 0.52 9.13 -1.56
N LEU A 69 1.72 8.62 -1.88
CA LEU A 69 2.70 8.20 -0.87
C LEU A 69 3.19 9.35 0.02
N HIS A 70 3.29 10.54 -0.57
N HIS A 70 3.24 10.54 -0.59
CA HIS A 70 3.82 11.71 0.14
CA HIS A 70 3.73 11.76 0.05
C HIS A 70 2.74 12.58 0.81
C HIS A 70 2.67 12.49 0.88
N SER A 71 1.57 12.00 1.02
N SER A 71 1.48 11.92 0.95
CA SER A 71 0.47 12.70 1.68
CA SER A 71 0.37 12.59 1.63
C SER A 71 0.29 12.28 3.14
C SER A 71 0.25 12.24 3.11
N PHE A 72 0.98 11.20 3.54
CA PHE A 72 0.94 10.73 4.94
C PHE A 72 2.24 10.03 5.30
N PHE A 73 2.43 9.77 6.60
CA PHE A 73 3.63 9.08 7.08
C PHE A 73 3.31 7.63 7.42
N LEU A 74 3.97 6.70 6.73
CA LEU A 74 3.76 5.27 6.96
C LEU A 74 4.34 4.84 8.32
N THR A 75 5.44 5.46 8.72
N THR A 75 5.44 5.46 8.72
CA THR A 75 6.04 5.25 10.03
CA THR A 75 6.04 5.24 10.04
C THR A 75 6.21 6.60 10.73
C THR A 75 6.21 6.58 10.77
N PRO A 76 5.13 7.13 11.33
CA PRO A 76 5.18 8.43 11.99
C PRO A 76 6.07 8.38 13.23
N ASP A 77 6.97 9.35 13.37
CA ASP A 77 7.97 9.34 14.44
C ASP A 77 7.71 10.40 15.50
N SER A 78 6.59 11.10 15.39
CA SER A 78 6.24 12.18 16.32
C SER A 78 4.73 12.41 16.42
N PHE A 79 4.34 13.15 17.46
CA PHE A 79 2.95 13.57 17.65
C PHE A 79 2.38 14.24 16.40
N GLU A 80 3.14 15.17 15.83
CA GLU A 80 2.69 15.98 14.68
C GLU A 80 2.47 15.16 13.41
N GLN A 81 3.35 14.19 13.16
CA GLN A 81 3.18 13.29 12.00
C GLN A 81 1.91 12.44 12.14
N LYS A 82 1.50 12.14 13.38
N LYS A 82 1.71 11.91 13.35
CA LYS A 82 0.26 11.38 13.64
CA LYS A 82 0.54 11.12 13.69
C LYS A 82 -1.08 12.11 13.38
C LYS A 82 -0.67 11.99 13.53
N VAL A 83 -1.37 13.19 14.11
N VAL A 83 -0.47 13.29 13.78
CA VAL A 83 -2.57 14.02 13.87
CA VAL A 83 -1.48 14.35 13.61
C VAL A 83 -2.68 14.19 12.37
C VAL A 83 -1.79 14.66 12.10
N LEU A 84 -1.53 14.51 11.75
N LEU A 84 -0.75 14.63 11.26
CA LEU A 84 -1.45 14.76 10.30
CA LEU A 84 -0.97 14.81 9.83
C LEU A 84 -1.99 13.60 9.49
C LEU A 84 -1.66 13.60 9.18
N ASN A 85 -1.44 12.41 9.75
CA ASN A 85 -2.01 11.16 9.21
C ASN A 85 -3.51 11.08 9.45
N VAL A 86 -3.95 11.33 10.68
N VAL A 86 -3.94 11.42 10.67
CA VAL A 86 -5.36 11.27 11.03
CA VAL A 86 -5.35 11.47 11.03
C VAL A 86 -6.15 12.31 10.24
C VAL A 86 -6.09 12.59 10.27
N SER A 87 -5.61 13.52 10.16
N SER A 87 -5.40 13.71 10.08
CA SER A 87 -6.20 14.61 9.37
CA SER A 87 -5.97 14.83 9.32
C SER A 87 -6.35 14.21 7.90
C SER A 87 -6.18 14.46 7.86
N PHE A 88 -5.33 13.57 7.34
CA PHE A 88 -5.40 13.10 5.96
C PHE A 88 -6.45 11.99 5.78
N ALA A 89 -6.53 11.09 6.76
CA ALA A 89 -7.57 10.05 6.78
C ALA A 89 -8.98 10.67 6.83
N PHE A 90 -9.13 11.72 7.62
CA PHE A 90 -10.38 12.50 7.71
C PHE A 90 -10.72 13.16 6.38
N GLU A 91 -9.68 13.61 5.69
CA GLU A 91 -9.77 14.22 4.36
C GLU A 91 -10.31 13.23 3.34
N LEU A 92 -9.81 11.99 3.40
CA LEU A 92 -10.23 10.91 2.49
C LEU A 92 -11.65 10.44 2.77
N MET A 93 -12.06 10.50 4.04
CA MET A 93 -13.44 10.20 4.44
C MET A 93 -14.39 11.20 3.79
N GLN A 94 -14.04 12.48 3.89
CA GLN A 94 -14.81 13.56 3.31
C GLN A 94 -14.78 13.56 1.78
N ASP A 95 -13.67 13.06 1.21
CA ASP A 95 -13.55 12.90 -0.24
C ASP A 95 -14.53 11.85 -0.77
N GLY A 96 -14.81 10.83 0.05
CA GLY A 96 -15.78 9.80 -0.28
C GLY A 96 -17.22 10.26 -0.10
N GLY A 97 -17.41 11.36 0.62
CA GLY A 97 -18.73 11.93 0.83
C GLY A 97 -19.26 11.85 2.25
N LEU A 98 -18.39 11.50 3.19
N LEU A 98 -18.38 11.53 3.19
CA LEU A 98 -18.75 11.51 4.61
CA LEU A 98 -18.72 11.49 4.60
C LEU A 98 -18.66 12.92 5.17
C LEU A 98 -18.62 12.89 5.20
N GLU A 99 -19.48 13.19 6.17
CA GLU A 99 -19.44 14.45 6.89
C GLU A 99 -18.12 14.51 7.67
N LYS A 100 -17.60 15.71 7.86
N LYS A 100 -17.60 15.71 7.86
CA LYS A 100 -16.42 15.92 8.69
CA LYS A 100 -16.40 15.90 8.66
C LYS A 100 -16.61 15.21 10.04
C LYS A 100 -16.58 15.24 10.03
N PRO A 101 -15.65 14.35 10.43
CA PRO A 101 -15.74 13.67 11.73
C PRO A 101 -15.87 14.64 12.90
N LYS A 102 -16.60 14.21 13.93
N LYS A 102 -16.55 14.22 13.96
N LYS A 102 -16.56 14.21 13.94
N LYS A 102 -16.56 14.22 13.95
CA LYS A 102 -16.79 14.98 15.16
CA LYS A 102 -16.75 15.09 15.11
CA LYS A 102 -16.77 15.04 15.14
CA LYS A 102 -16.77 15.05 15.14
C LYS A 102 -15.48 15.26 15.91
C LYS A 102 -15.49 15.28 16.00
C LYS A 102 -15.49 15.27 15.96
C LYS A 102 -15.50 15.27 15.97
N PRO A 103 -14.66 14.22 16.15
CA PRO A 103 -13.42 14.40 16.93
C PRO A 103 -12.36 15.22 16.19
N ARG A 104 -11.54 15.94 16.94
N ARG A 104 -11.52 15.90 16.96
CA ARG A 104 -10.35 16.56 16.38
CA ARG A 104 -10.29 16.50 16.43
C ARG A 104 -9.34 15.45 16.09
C ARG A 104 -9.34 15.37 16.07
N PRO A 105 -8.52 15.61 15.04
N PRO A 105 -8.51 15.58 15.06
CA PRO A 105 -7.51 14.58 14.75
CA PRO A 105 -7.52 14.56 14.76
C PRO A 105 -6.64 14.23 15.96
C PRO A 105 -6.67 14.21 15.98
N GLU A 106 -6.39 15.21 16.83
CA GLU A 106 -5.64 15.02 18.08
C GLU A 106 -6.28 14.05 19.08
N ASP A 107 -7.62 14.02 19.11
CA ASP A 107 -8.38 13.10 19.97
C ASP A 107 -8.11 11.62 19.65
N ILE A 108 -7.89 11.34 18.37
N ILE A 108 -7.83 11.33 18.38
CA ILE A 108 -7.57 10.00 17.89
CA ILE A 108 -7.47 9.98 17.96
C ILE A 108 -6.16 9.62 18.33
C ILE A 108 -6.03 9.66 18.38
N VAL A 109 -5.23 10.54 18.11
N VAL A 109 -5.11 10.57 18.09
CA VAL A 109 -3.82 10.37 18.44
CA VAL A 109 -3.70 10.35 18.45
C VAL A 109 -3.62 10.20 19.94
C VAL A 109 -3.47 10.38 19.98
N ASN A 110 -4.45 10.88 20.73
CA ASN A 110 -4.42 10.81 22.18
C ASN A 110 -5.20 9.61 22.74
N CYS A 111 -5.64 8.74 21.84
CA CYS A 111 -6.29 7.45 22.20
C CYS A 111 -7.62 7.61 22.94
N ASP A 112 -8.37 8.64 22.60
CA ASP A 112 -9.71 8.82 23.15
C ASP A 112 -10.64 7.76 22.57
N LEU A 113 -11.16 6.90 23.43
CA LEU A 113 -11.93 5.74 22.99
C LEU A 113 -13.24 6.10 22.28
N LYS A 114 -13.99 7.04 22.85
N LYS A 114 -14.00 7.03 22.86
CA LYS A 114 -15.24 7.51 22.26
CA LYS A 114 -15.24 7.53 22.26
C LYS A 114 -15.03 8.12 20.86
C LYS A 114 -15.00 8.08 20.86
N SER A 115 -13.95 8.90 20.73
CA SER A 115 -13.56 9.48 19.44
C SER A 115 -13.20 8.42 18.40
N THR A 116 -12.42 7.42 18.85
CA THR A 116 -12.04 6.29 17.99
C THR A 116 -13.27 5.51 17.52
N LEU A 117 -14.17 5.22 18.47
CA LEU A 117 -15.40 4.47 18.18
C LEU A 117 -16.32 5.21 17.21
N ARG A 118 -16.44 6.53 17.40
CA ARG A 118 -17.25 7.39 16.53
C ARG A 118 -16.76 7.37 15.08
N VAL A 119 -15.46 7.51 14.89
CA VAL A 119 -14.84 7.49 13.56
C VAL A 119 -15.06 6.13 12.88
N LEU A 120 -14.82 5.06 13.63
CA LEU A 120 -14.94 3.70 13.09
C LEU A 120 -16.38 3.28 12.80
N TYR A 121 -17.31 3.72 13.65
CA TYR A 121 -18.72 3.42 13.45
C TYR A 121 -19.29 4.08 12.19
N ASN A 122 -18.89 5.32 11.93
CA ASN A 122 -19.35 6.05 10.74
C ASN A 122 -18.82 5.44 9.45
N LEU A 123 -17.67 4.76 9.54
CA LEU A 123 -17.15 3.97 8.43
C LEU A 123 -17.93 2.67 8.31
N PHE A 124 -18.27 2.07 9.46
CA PHE A 124 -19.08 0.86 9.49
C PHE A 124 -20.44 1.08 8.83
N THR A 125 -21.13 2.15 9.20
N THR A 125 -21.11 2.17 9.21
CA THR A 125 -22.47 2.42 8.65
CA THR A 125 -22.43 2.54 8.70
C THR A 125 -22.44 2.65 7.14
C THR A 125 -22.44 2.68 7.17
N LYS A 126 -21.37 3.26 6.64
CA LYS A 126 -21.25 3.51 5.20
C LYS A 126 -20.75 2.30 4.40
N TYR A 127 -19.79 1.56 4.96
CA TYR A 127 -19.06 0.54 4.21
C TYR A 127 -19.25 -0.92 4.66
N ARG A 128 -20.30 -1.18 5.45
N ARG A 128 -20.29 -1.18 5.46
CA ARG A 128 -20.57 -2.52 5.97
CA ARG A 128 -20.58 -2.52 5.97
C ARG A 128 -20.90 -3.56 4.88
C ARG A 128 -20.87 -3.55 4.87
N ASN A 129 -21.32 -3.07 3.71
CA ASN A 129 -21.66 -3.94 2.58
C ASN A 129 -20.55 -4.08 1.55
N VAL A 130 -19.47 -3.32 1.71
CA VAL A 130 -18.30 -3.42 0.83
C VAL A 130 -17.57 -4.74 1.10
N GLU A 131 -17.43 -5.54 0.05
CA GLU A 131 -16.75 -6.84 0.15
C GLU A 131 -15.24 -6.68 0.30
N ARG B 6 19.19 -7.70 -31.03
CA ARG B 6 20.17 -7.79 -29.90
C ARG B 6 20.32 -6.47 -29.15
N ASP B 7 20.54 -6.56 -27.84
CA ASP B 7 20.85 -5.39 -27.02
C ASP B 7 22.04 -5.66 -26.08
N ALA B 8 22.31 -4.71 -25.19
CA ALA B 8 23.46 -4.79 -24.28
C ALA B 8 23.41 -5.99 -23.32
N PHE B 9 22.20 -6.47 -23.03
CA PHE B 9 22.04 -7.65 -22.16
C PHE B 9 22.37 -8.97 -22.86
N ASP B 10 22.17 -9.00 -24.18
CA ASP B 10 22.65 -10.10 -25.00
C ASP B 10 24.18 -10.10 -25.03
N THR B 11 24.76 -8.91 -25.19
CA THR B 11 26.22 -8.73 -25.19
C THR B 11 26.83 -9.07 -23.83
N LEU B 12 26.12 -8.70 -22.76
N LEU B 12 26.11 -8.69 -22.76
CA LEU B 12 26.53 -8.99 -21.39
CA LEU B 12 26.52 -8.98 -21.39
C LEU B 12 26.59 -10.49 -21.12
C LEU B 12 26.60 -10.50 -21.16
N PHE B 13 25.51 -11.20 -21.45
CA PHE B 13 25.42 -12.64 -21.22
C PHE B 13 26.37 -13.46 -22.10
N ASP B 14 26.63 -12.99 -23.31
CA ASP B 14 27.53 -13.68 -24.24
C ASP B 14 29.01 -13.41 -23.99
N HIS B 15 29.35 -12.14 -23.79
CA HIS B 15 30.75 -11.70 -23.86
C HIS B 15 31.35 -11.18 -22.54
N ALA B 16 30.49 -10.76 -21.61
CA ALA B 16 30.94 -10.26 -20.32
C ALA B 16 30.12 -10.81 -19.14
N PRO B 17 29.96 -12.15 -19.05
CA PRO B 17 29.07 -12.72 -18.03
C PRO B 17 29.56 -12.55 -16.59
N ASP B 18 30.84 -12.21 -16.42
CA ASP B 18 31.40 -11.94 -15.10
C ASP B 18 30.94 -10.59 -14.53
N LYS B 19 30.35 -9.76 -15.38
CA LYS B 19 29.85 -8.43 -14.97
C LYS B 19 28.38 -8.49 -14.56
N LEU B 20 27.81 -9.69 -14.63
CA LEU B 20 26.40 -9.91 -14.31
C LEU B 20 26.07 -9.61 -12.85
N ASN B 21 26.98 -9.98 -11.96
CA ASN B 21 26.78 -9.81 -10.51
C ASN B 21 26.69 -8.35 -10.04
N VAL B 22 27.53 -7.48 -10.60
CA VAL B 22 27.51 -6.05 -10.27
C VAL B 22 26.29 -5.34 -10.92
N VAL B 23 25.86 -5.85 -12.07
CA VAL B 23 24.63 -5.41 -12.73
C VAL B 23 23.43 -5.72 -11.84
N LYS B 24 23.39 -6.95 -11.30
N LYS B 24 23.40 -6.94 -11.30
N LYS B 24 23.35 -6.96 -11.35
CA LYS B 24 22.36 -7.39 -10.37
CA LYS B 24 22.37 -7.37 -10.34
CA LYS B 24 22.22 -7.40 -10.53
C LYS B 24 22.40 -6.59 -9.08
C LYS B 24 22.40 -6.53 -9.07
C LYS B 24 22.19 -6.66 -9.21
N LYS B 25 23.57 -6.51 -8.46
N LYS B 25 23.55 -6.52 -8.42
N LYS B 25 23.34 -6.48 -8.59
CA LYS B 25 23.74 -5.76 -7.22
CA LYS B 25 23.72 -5.75 -7.18
CA LYS B 25 23.42 -5.83 -7.28
C LYS B 25 23.15 -4.35 -7.31
C LYS B 25 23.18 -4.32 -7.28
C LYS B 25 23.07 -4.34 -7.33
N THR B 26 23.49 -3.64 -8.38
CA THR B 26 23.08 -2.24 -8.60
C THR B 26 21.56 -2.12 -8.76
N LEU B 27 20.95 -3.07 -9.46
N LEU B 27 20.96 -3.06 -9.48
CA LEU B 27 19.50 -3.08 -9.64
CA LEU B 27 19.51 -3.12 -9.66
C LEU B 27 18.76 -3.50 -8.38
C LEU B 27 18.77 -3.48 -8.37
N ILE B 28 19.35 -4.40 -7.60
CA ILE B 28 18.80 -4.83 -6.30
C ILE B 28 18.79 -3.65 -5.32
N THR B 29 19.89 -2.89 -5.31
CA THR B 29 20.00 -1.69 -4.48
C THR B 29 18.94 -0.64 -4.87
N PHE B 30 18.70 -0.51 -6.18
CA PHE B 30 17.70 0.44 -6.70
C PHE B 30 16.26 0.07 -6.31
N VAL B 31 15.90 -1.20 -6.47
CA VAL B 31 14.53 -1.64 -6.12
C VAL B 31 14.26 -1.58 -4.62
N ASN B 32 15.27 -1.92 -3.82
N ASN B 32 15.26 -1.95 -3.81
CA ASN B 32 15.16 -1.92 -2.37
CA ASN B 32 15.17 -1.91 -2.35
C ASN B 32 15.29 -0.52 -1.75
C ASN B 32 14.97 -0.48 -1.85
N LYS B 33 15.75 0.44 -2.54
N LYS B 33 15.83 0.41 -2.30
CA LYS B 33 15.72 1.85 -2.14
CA LYS B 33 15.69 1.83 -1.99
C LYS B 33 14.27 2.32 -1.98
C LYS B 33 14.22 2.19 -1.85
N HIS B 34 13.40 1.76 -2.82
CA HIS B 34 11.98 2.09 -2.83
C HIS B 34 11.10 1.06 -2.10
N LEU B 35 11.38 -0.23 -2.29
CA LEU B 35 10.62 -1.29 -1.62
C LEU B 35 10.81 -1.33 -0.11
N ASN B 36 11.97 -0.89 0.38
CA ASN B 36 12.23 -0.76 1.82
C ASN B 36 11.30 0.24 2.51
N LYS B 37 10.79 1.20 1.73
CA LYS B 37 9.80 2.18 2.23
C LYS B 37 8.50 1.50 2.67
N LEU B 38 8.23 0.31 2.12
N LEU B 38 8.25 0.31 2.12
CA LEU B 38 7.06 -0.48 2.49
CA LEU B 38 7.08 -0.48 2.47
C LEU B 38 7.47 -1.66 3.37
C LEU B 38 7.48 -1.68 3.34
N ASN B 39 8.69 -1.62 3.88
CA ASN B 39 9.30 -2.72 4.66
C ASN B 39 9.37 -4.06 3.93
N LEU B 40 9.59 -3.97 2.62
CA LEU B 40 9.75 -5.14 1.76
C LEU B 40 11.17 -5.16 1.21
N GLU B 41 11.62 -6.33 0.78
CA GLU B 41 12.99 -6.49 0.30
C GLU B 41 13.13 -7.59 -0.73
N VAL B 42 13.98 -7.32 -1.72
CA VAL B 42 14.37 -8.30 -2.72
C VAL B 42 15.79 -8.77 -2.41
N THR B 43 15.98 -10.09 -2.36
CA THR B 43 17.31 -10.69 -2.17
C THR B 43 17.87 -11.32 -3.46
N GLU B 44 16.98 -11.63 -4.41
N GLU B 44 16.99 -11.68 -4.39
CA GLU B 44 17.39 -12.17 -5.72
CA GLU B 44 17.43 -12.17 -5.71
C GLU B 44 16.41 -11.79 -6.83
C GLU B 44 16.43 -11.85 -6.83
N LEU B 45 16.98 -11.44 -7.99
N LEU B 45 16.98 -11.46 -7.99
CA LEU B 45 16.19 -11.00 -9.15
CA LEU B 45 16.17 -11.02 -9.12
C LEU B 45 15.65 -12.17 -9.98
C LEU B 45 15.61 -12.18 -9.95
N GLU B 46 16.17 -13.37 -9.74
CA GLU B 46 15.77 -14.58 -10.48
C GLU B 46 14.27 -14.89 -10.40
N THR B 47 13.69 -14.78 -9.20
CA THR B 47 12.30 -15.20 -8.98
C THR B 47 11.37 -14.17 -8.31
N GLN B 48 11.95 -13.16 -7.65
CA GLN B 48 11.16 -12.28 -6.77
C GLN B 48 10.32 -11.20 -7.44
N PHE B 49 10.48 -11.04 -8.75
CA PHE B 49 9.63 -10.13 -9.54
C PHE B 49 8.65 -10.90 -10.42
N ALA B 50 8.71 -12.23 -10.37
CA ALA B 50 7.94 -13.09 -11.27
C ALA B 50 6.41 -13.03 -11.09
N ASP B 51 5.93 -12.92 -9.87
CA ASP B 51 4.48 -12.84 -9.65
C ASP B 51 3.86 -11.45 -9.93
N GLY B 52 4.70 -10.49 -10.29
CA GLY B 52 4.24 -9.16 -10.70
C GLY B 52 3.87 -8.19 -9.58
N VAL B 53 3.82 -8.69 -8.35
CA VAL B 53 3.40 -7.90 -7.19
C VAL B 53 4.37 -6.77 -6.88
N TYR B 54 5.65 -7.11 -6.71
CA TYR B 54 6.67 -6.11 -6.41
C TYR B 54 6.88 -5.10 -7.53
N LEU B 55 6.63 -5.53 -8.77
N LEU B 55 6.66 -5.53 -8.77
CA LEU B 55 6.73 -4.65 -9.93
CA LEU B 55 6.72 -4.62 -9.92
C LEU B 55 5.59 -3.62 -9.95
C LEU B 55 5.59 -3.59 -9.87
N VAL B 56 4.37 -4.07 -9.59
CA VAL B 56 3.22 -3.17 -9.44
C VAL B 56 3.44 -2.19 -8.28
N LEU B 57 3.88 -2.72 -7.14
CA LEU B 57 4.16 -1.89 -5.97
C LEU B 57 5.28 -0.89 -6.23
N LEU B 58 6.34 -1.35 -6.88
CA LEU B 58 7.47 -0.49 -7.23
C LEU B 58 7.04 0.68 -8.13
N MET B 59 6.17 0.40 -9.10
CA MET B 59 5.65 1.42 -10.01
C MET B 59 4.87 2.53 -9.28
N GLY B 60 4.05 2.13 -8.33
CA GLY B 60 3.34 3.08 -7.47
C GLY B 60 4.29 3.94 -6.67
N LEU B 61 5.28 3.31 -6.04
CA LEU B 61 6.31 4.00 -5.26
C LEU B 61 7.11 5.00 -6.10
N LEU B 62 7.36 4.66 -7.36
CA LEU B 62 8.15 5.49 -8.27
C LEU B 62 7.36 6.65 -8.85
N GLU B 63 6.06 6.44 -9.04
CA GLU B 63 5.17 7.48 -9.57
C GLU B 63 4.44 8.25 -8.48
N GLY B 64 4.58 7.78 -7.24
CA GLY B 64 4.08 8.50 -6.09
C GLY B 64 2.70 8.13 -5.57
N TYR B 65 2.42 6.83 -5.42
CA TYR B 65 1.13 6.40 -4.90
C TYR B 65 1.03 4.94 -4.48
N PHE B 66 -0.01 4.65 -3.71
CA PHE B 66 -0.34 3.30 -3.33
C PHE B 66 -1.38 2.79 -4.30
N VAL B 67 -1.15 1.60 -4.82
CA VAL B 67 -1.99 1.01 -5.84
C VAL B 67 -3.12 0.24 -5.19
N PRO B 68 -4.35 0.59 -5.55
CA PRO B 68 -5.54 -0.07 -5.02
C PRO B 68 -5.57 -1.57 -5.26
N LEU B 69 -6.07 -2.30 -4.27
CA LEU B 69 -6.13 -3.76 -4.33
C LEU B 69 -6.94 -4.33 -5.49
N HIS B 70 -7.96 -3.60 -5.93
CA HIS B 70 -8.85 -4.04 -7.00
C HIS B 70 -8.21 -3.99 -8.39
N SER B 71 -7.09 -3.28 -8.50
N SER B 71 -7.08 -3.31 -8.53
CA SER B 71 -6.37 -3.09 -9.76
CA SER B 71 -6.45 -3.14 -9.82
C SER B 71 -5.52 -4.30 -10.14
C SER B 71 -5.36 -4.19 -10.13
N PHE B 72 -5.02 -5.00 -9.12
CA PHE B 72 -4.09 -6.12 -9.31
C PHE B 72 -4.35 -7.23 -8.29
N PHE B 73 -3.48 -8.23 -8.27
CA PHE B 73 -3.60 -9.33 -7.31
C PHE B 73 -2.40 -9.32 -6.37
N LEU B 74 -2.64 -8.91 -5.13
CA LEU B 74 -1.57 -8.85 -4.11
C LEU B 74 -1.04 -10.24 -3.78
N THR B 75 -1.93 -11.23 -3.82
N THR B 75 -1.93 -11.23 -3.81
CA THR B 75 -1.58 -12.62 -3.61
CA THR B 75 -1.53 -12.63 -3.61
C THR B 75 -2.08 -13.45 -4.80
C THR B 75 -2.04 -13.48 -4.78
N PRO B 76 -1.28 -13.51 -5.90
CA PRO B 76 -1.70 -14.22 -7.10
C PRO B 76 -1.74 -15.74 -6.87
N ASP B 77 -2.83 -16.37 -7.28
CA ASP B 77 -3.02 -17.80 -7.05
C ASP B 77 -2.93 -18.63 -8.34
N SER B 78 -2.52 -17.98 -9.42
CA SER B 78 -2.39 -18.65 -10.71
C SER B 78 -1.42 -17.93 -11.64
N PHE B 79 -1.02 -18.63 -12.70
CA PHE B 79 -0.24 -18.07 -13.79
C PHE B 79 -0.92 -16.84 -14.38
N GLU B 80 -2.23 -16.92 -14.61
CA GLU B 80 -3.02 -15.83 -15.20
C GLU B 80 -3.01 -14.54 -14.39
N GLN B 81 -3.12 -14.66 -13.06
CA GLN B 81 -3.12 -13.51 -12.16
C GLN B 81 -1.74 -12.86 -12.09
N LYS B 82 -0.70 -13.69 -12.16
CA LYS B 82 0.68 -13.22 -12.20
C LYS B 82 0.97 -12.46 -13.51
N VAL B 83 0.44 -12.96 -14.62
CA VAL B 83 0.59 -12.30 -15.93
C VAL B 83 -0.18 -10.96 -15.95
N LEU B 84 -1.38 -10.96 -15.36
CA LEU B 84 -2.18 -9.75 -15.26
C LEU B 84 -1.47 -8.66 -14.45
N ASN B 85 -0.80 -9.09 -13.38
CA ASN B 85 0.02 -8.20 -12.55
C ASN B 85 1.16 -7.55 -13.33
N VAL B 86 1.92 -8.34 -14.08
N VAL B 86 1.90 -8.32 -14.12
CA VAL B 86 3.04 -7.82 -14.85
CA VAL B 86 2.98 -7.77 -14.94
C VAL B 86 2.53 -6.90 -15.96
C VAL B 86 2.44 -6.93 -16.11
N SER B 87 1.43 -7.31 -16.60
N SER B 87 1.26 -7.31 -16.61
CA SER B 87 0.77 -6.50 -17.62
CA SER B 87 0.61 -6.54 -17.66
C SER B 87 0.36 -5.13 -17.07
C SER B 87 0.15 -5.18 -17.16
N PHE B 88 -0.24 -5.12 -15.88
CA PHE B 88 -0.66 -3.87 -15.25
C PHE B 88 0.56 -3.00 -14.91
N ALA B 89 1.60 -3.63 -14.39
CA ALA B 89 2.87 -2.93 -14.14
C ALA B 89 3.48 -2.32 -15.41
N PHE B 90 3.43 -3.07 -16.52
CA PHE B 90 3.89 -2.59 -17.83
C PHE B 90 3.04 -1.41 -18.31
N GLU B 91 1.75 -1.48 -18.04
CA GLU B 91 0.80 -0.43 -18.38
C GLU B 91 1.10 0.87 -17.62
N LEU B 92 1.37 0.73 -16.33
CA LEU B 92 1.77 1.87 -15.48
C LEU B 92 3.06 2.50 -15.97
N MET B 93 3.99 1.67 -16.45
CA MET B 93 5.24 2.13 -17.06
C MET B 93 4.96 3.01 -18.26
N GLN B 94 4.13 2.52 -19.18
CA GLN B 94 3.78 3.23 -20.40
C GLN B 94 2.93 4.47 -20.14
N ASP B 95 2.11 4.41 -19.09
CA ASP B 95 1.32 5.55 -18.65
C ASP B 95 2.20 6.73 -18.23
N GLY B 96 3.35 6.40 -17.65
CA GLY B 96 4.32 7.40 -17.22
C GLY B 96 5.24 7.91 -18.32
N GLY B 97 5.16 7.29 -19.49
CA GLY B 97 5.92 7.74 -20.66
C GLY B 97 6.96 6.77 -21.20
N LEU B 98 7.15 5.64 -20.52
N LEU B 98 7.13 5.64 -20.50
CA LEU B 98 8.09 4.62 -20.99
CA LEU B 98 8.14 4.64 -20.86
C LEU B 98 7.54 3.93 -22.24
C LEU B 98 7.67 3.78 -22.03
N GLU B 99 8.43 3.53 -23.13
N GLU B 99 8.55 3.63 -23.02
CA GLU B 99 8.06 2.73 -24.29
CA GLU B 99 8.25 2.79 -24.17
C GLU B 99 7.62 1.36 -23.78
C GLU B 99 7.79 1.40 -23.70
N LYS B 100 6.74 0.71 -24.54
N LYS B 100 6.84 0.83 -24.43
CA LYS B 100 6.32 -0.64 -24.20
CA LYS B 100 6.39 -0.53 -24.15
C LYS B 100 7.57 -1.50 -23.99
C LYS B 100 7.61 -1.43 -23.95
N PRO B 101 7.66 -2.19 -22.83
CA PRO B 101 8.79 -3.09 -22.56
C PRO B 101 8.98 -4.13 -23.67
N LYS B 102 10.23 -4.54 -23.86
N LYS B 102 10.24 -4.54 -23.85
N LYS B 102 10.24 -4.55 -23.85
N LYS B 102 10.24 -4.55 -23.85
CA LYS B 102 10.58 -5.54 -24.87
CA LYS B 102 10.61 -5.54 -24.86
CA LYS B 102 10.59 -5.53 -24.87
CA LYS B 102 10.59 -5.53 -24.87
C LYS B 102 10.04 -6.95 -24.57
C LYS B 102 10.03 -6.93 -24.55
C LYS B 102 10.05 -6.94 -24.57
C LYS B 102 10.07 -6.95 -24.56
N PRO B 103 10.18 -7.41 -23.30
CA PRO B 103 9.68 -8.76 -22.97
C PRO B 103 8.16 -8.81 -22.90
N ARG B 104 7.60 -10.00 -23.13
N ARG B 104 7.63 -10.01 -23.06
CA ARG B 104 6.18 -10.21 -22.92
CA ARG B 104 6.23 -10.30 -22.78
C ARG B 104 5.99 -10.42 -21.42
C ARG B 104 6.03 -10.36 -21.28
N PRO B 105 4.81 -10.02 -20.86
N PRO B 105 4.81 -10.03 -20.80
CA PRO B 105 4.57 -10.20 -19.43
CA PRO B 105 4.52 -10.20 -19.39
C PRO B 105 4.81 -11.63 -18.93
C PRO B 105 4.79 -11.64 -18.91
N GLU B 106 4.56 -12.61 -19.80
CA GLU B 106 4.81 -14.03 -19.50
C GLU B 106 6.30 -14.33 -19.26
N ASP B 107 7.17 -13.58 -19.93
CA ASP B 107 8.62 -13.73 -19.76
C ASP B 107 9.10 -13.41 -18.34
N ILE B 108 8.44 -12.45 -17.70
N ILE B 108 8.44 -12.45 -17.70
CA ILE B 108 8.73 -12.09 -16.32
CA ILE B 108 8.73 -12.10 -16.31
C ILE B 108 8.24 -13.20 -15.38
C ILE B 108 8.29 -13.23 -15.37
N VAL B 109 7.00 -13.65 -15.59
N VAL B 109 7.03 -13.65 -15.49
CA VAL B 109 6.38 -14.73 -14.81
CA VAL B 109 6.52 -14.73 -14.66
C VAL B 109 7.16 -16.05 -14.95
C VAL B 109 7.25 -16.06 -14.90
N ASN B 110 7.74 -16.25 -16.12
CA ASN B 110 8.55 -17.43 -16.43
C ASN B 110 10.00 -17.33 -15.94
N CYS B 111 10.29 -16.26 -15.21
CA CYS B 111 11.61 -16.04 -14.57
C CYS B 111 12.78 -15.95 -15.55
N ASP B 112 12.55 -15.35 -16.70
CA ASP B 112 13.63 -15.09 -17.64
C ASP B 112 14.46 -13.91 -17.13
N LEU B 113 15.72 -14.18 -16.78
CA LEU B 113 16.57 -13.18 -16.13
C LEU B 113 16.81 -11.94 -16.98
N LYS B 114 17.16 -12.15 -18.25
N LYS B 114 17.18 -12.15 -18.24
CA LYS B 114 17.40 -11.05 -19.19
CA LYS B 114 17.39 -11.06 -19.20
C LYS B 114 16.19 -10.12 -19.30
C LYS B 114 16.20 -10.12 -19.25
N SER B 115 15.00 -10.70 -19.36
CA SER B 115 13.74 -9.95 -19.41
C SER B 115 13.52 -9.13 -18.15
N THR B 116 13.80 -9.74 -17.00
CA THR B 116 13.70 -9.08 -15.70
C THR B 116 14.71 -7.94 -15.60
N LEU B 117 15.95 -8.19 -16.04
CA LEU B 117 17.01 -7.18 -16.03
C LEU B 117 16.70 -6.02 -16.95
N ARG B 118 16.14 -6.32 -18.14
CA ARG B 118 15.71 -5.30 -19.09
C ARG B 118 14.64 -4.36 -18.50
N VAL B 119 13.61 -4.97 -17.89
CA VAL B 119 12.53 -4.23 -17.26
C VAL B 119 13.06 -3.33 -16.12
N LEU B 120 13.85 -3.91 -15.24
CA LEU B 120 14.37 -3.17 -14.08
C LEU B 120 15.36 -2.06 -14.45
N TYR B 121 16.17 -2.31 -15.49
CA TYR B 121 17.13 -1.32 -15.97
C TYR B 121 16.47 -0.09 -16.58
N ASN B 122 15.40 -0.32 -17.36
CA ASN B 122 14.63 0.80 -17.92
C ASN B 122 13.94 1.64 -16.85
N LEU B 123 13.63 1.02 -15.71
CA LEU B 123 13.15 1.75 -14.53
C LEU B 123 14.30 2.52 -13.86
N PHE B 124 15.47 1.88 -13.79
CA PHE B 124 16.67 2.50 -13.22
C PHE B 124 17.06 3.77 -13.96
N THR B 125 17.08 3.73 -15.29
N THR B 125 17.10 3.70 -15.29
CA THR B 125 17.51 4.88 -16.10
CA THR B 125 17.46 4.82 -16.15
C THR B 125 16.53 6.05 -16.10
C THR B 125 16.56 6.03 -15.90
N LYS B 126 15.26 5.77 -15.79
CA LYS B 126 14.27 6.83 -15.63
C LYS B 126 14.20 7.37 -14.19
N TYR B 127 14.22 6.46 -13.22
CA TYR B 127 13.91 6.82 -11.83
C TYR B 127 15.10 6.84 -10.87
N ARG B 128 16.32 6.61 -11.38
CA ARG B 128 17.53 6.54 -10.54
C ARG B 128 17.67 7.71 -9.55
N ASN B 129 17.18 8.88 -9.94
CA ASN B 129 17.31 10.10 -9.14
C ASN B 129 16.13 10.39 -8.21
N VAL B 130 15.10 9.56 -8.28
CA VAL B 130 13.92 9.70 -7.41
C VAL B 130 14.29 9.26 -5.99
N GLU B 131 14.23 10.22 -5.05
CA GLU B 131 14.63 9.99 -3.65
C GLU B 131 13.72 8.99 -2.95
N ASP C 2 -33.65 8.00 19.83
CA ASP C 2 -33.59 6.51 19.81
C ASP C 2 -32.20 5.98 19.42
N ASP C 3 -31.18 6.80 19.68
CA ASP C 3 -29.83 6.59 19.16
C ASP C 3 -29.10 5.32 19.62
N LEU C 4 -29.20 5.00 20.91
CA LEU C 4 -28.57 3.79 21.46
C LEU C 4 -29.24 2.52 20.94
N ASP C 5 -30.57 2.57 20.79
CA ASP C 5 -31.33 1.49 20.16
C ASP C 5 -30.88 1.22 18.73
N ALA C 6 -30.67 2.30 17.97
CA ALA C 6 -30.22 2.22 16.59
C ALA C 6 -28.79 1.70 16.51
N LEU C 7 -27.92 2.22 17.37
CA LEU C 7 -26.52 1.83 17.44
C LEU C 7 -26.34 0.33 17.70
N LEU C 8 -27.11 -0.19 18.66
CA LEU C 8 -26.98 -1.59 19.06
C LEU C 8 -27.65 -2.57 18.09
N ALA C 9 -28.57 -2.08 17.27
CA ALA C 9 -29.18 -2.90 16.22
C ALA C 9 -28.18 -3.16 15.09
N ASP C 10 -27.27 -2.21 14.88
CA ASP C 10 -26.21 -2.32 13.89
C ASP C 10 -25.07 -3.24 14.36
N LEU C 11 -24.70 -3.07 15.63
CA LEU C 11 -23.49 -3.71 16.17
C LEU C 11 -23.76 -4.95 17.02
N GLU C 12 -25.05 -5.27 17.21
CA GLU C 12 -25.43 -6.49 17.92
C GLU C 12 -26.08 -7.48 16.95
N SER C 13 -26.00 -7.17 15.66
CA SER C 13 -26.49 -8.06 14.60
C SER C 13 -25.37 -8.94 14.06
N MET D 1 29.00 -4.31 -27.64
CA MET D 1 28.20 -3.10 -27.97
C MET D 1 28.79 -1.83 -27.35
N ASP D 2 28.50 -0.69 -27.97
CA ASP D 2 28.72 0.61 -27.34
C ASP D 2 27.61 0.82 -26.31
N ASP D 3 26.53 0.06 -26.48
CA ASP D 3 25.47 -0.05 -25.49
C ASP D 3 25.99 -0.71 -24.21
N LEU D 4 26.96 -1.62 -24.35
CA LEU D 4 27.59 -2.26 -23.20
C LEU D 4 28.39 -1.27 -22.35
N ASP D 5 29.08 -0.35 -23.02
CA ASP D 5 29.78 0.74 -22.33
C ASP D 5 28.79 1.56 -21.50
N ALA D 6 27.69 1.96 -22.14
CA ALA D 6 26.64 2.75 -21.50
C ALA D 6 25.94 2.00 -20.36
N LEU D 7 25.69 0.72 -20.56
CA LEU D 7 25.07 -0.14 -19.54
C LEU D 7 25.95 -0.23 -18.31
N LEU D 8 27.24 -0.50 -18.53
CA LEU D 8 28.17 -0.70 -17.43
C LEU D 8 28.67 0.60 -16.79
N ALA D 9 28.61 1.70 -17.53
CA ALA D 9 28.90 3.03 -16.96
C ALA D 9 27.80 3.46 -15.97
N ASP D 10 26.63 2.84 -16.10
CA ASP D 10 25.50 3.10 -15.21
C ASP D 10 25.46 2.14 -14.02
N LEU D 11 25.56 0.84 -14.30
CA LEU D 11 25.35 -0.19 -13.30
C LEU D 11 26.65 -0.70 -12.64
N GLU D 12 27.78 -0.11 -13.05
CA GLU D 12 29.09 -0.49 -12.51
C GLU D 12 29.73 0.69 -11.78
N SER D 13 29.50 1.90 -12.29
CA SER D 13 29.76 3.12 -11.53
C SER D 13 28.69 3.28 -10.45
N THR D 14 27.95 2.18 -10.24
CA THR D 14 26.94 1.99 -9.18
C THR D 14 26.05 3.22 -8.94
#